data_6BZR
#
_entry.id   6BZR
#
_cell.length_a   55.760
_cell.length_b   93.120
_cell.length_c   64.170
_cell.angle_alpha   90.000
_cell.angle_beta   112.497
_cell.angle_gamma   90.000
#
_symmetry.space_group_name_H-M   'P 1 21 1'
#
loop_
_entity.id
_entity.type
_entity.pdbx_description
1 polymer 'Multidrug resistance-associated protein 6'
2 non-polymer "ADENOSINE-5'-DIPHOSPHATE"
3 non-polymer 'CITRIC ACID'
4 water water
#
_entity_poly.entity_id   1
_entity_poly.type   'polypeptide(L)'
_entity_poly.pdbx_seq_one_letter_code
;SAAQPPWPQGGQIEFRDFGLRYRPELPLAVQGVSFKIHAGEKVGIVGRTGAGKSSLASGLLRLQEAAEGGIWIDGVPIAH
VGLHTLRSRISIIPQDPILFPGSLRMNLDLLQEHSDEAIWAALETVQLKALVASLPGQLQYKCADRGEDLSVGQKQLLCL
ARALLRKTQILILDEATAAVDPGTELQMQAMLGSWFAQCTVLLIAHRLRSVMDCARVLVMDKGQVAESGSPAQLLAQKGL
FYRLAQESGLV
;
_entity_poly.pdbx_strand_id   B,A
#
loop_
_chem_comp.id
_chem_comp.type
_chem_comp.name
_chem_comp.formula
ADP non-polymer ADENOSINE-5'-DIPHOSPHATE 'C10 H15 N5 O10 P2'
CIT non-polymer 'CITRIC ACID' 'C6 H8 O7'
#
# COMPACT_ATOMS: atom_id res chain seq x y z
N GLY A 10 -6.03 16.87 -6.28
CA GLY A 10 -6.88 16.57 -5.15
C GLY A 10 -7.77 15.34 -5.33
N GLY A 11 -8.59 15.35 -6.38
CA GLY A 11 -9.53 14.28 -6.60
C GLY A 11 -10.86 14.42 -5.89
N GLN A 12 -11.26 15.64 -5.57
CA GLN A 12 -12.54 15.89 -4.91
C GLN A 12 -13.61 16.10 -5.98
N ILE A 13 -14.62 15.24 -5.98
CA ILE A 13 -15.66 15.26 -6.99
C ILE A 13 -16.96 15.72 -6.35
N GLU A 14 -17.76 16.46 -7.13
CA GLU A 14 -19.07 16.91 -6.67
C GLU A 14 -20.06 16.85 -7.82
N PHE A 15 -21.05 15.98 -7.68
CA PHE A 15 -22.23 15.97 -8.54
C PHE A 15 -23.25 16.92 -7.94
N ARG A 16 -23.80 17.78 -8.78
CA ARG A 16 -24.81 18.70 -8.32
C ARG A 16 -25.97 18.61 -9.27
N ASP A 17 -27.05 17.96 -8.86
CA ASP A 17 -28.25 17.79 -9.69
C ASP A 17 -27.93 17.25 -11.08
N PHE A 18 -27.11 16.22 -11.15
CA PHE A 18 -26.64 15.65 -12.40
C PHE A 18 -27.45 14.54 -13.06
N GLY A 19 -27.62 14.63 -14.37
CA GLY A 19 -28.29 13.61 -15.12
C GLY A 19 -27.67 13.56 -16.48
N LEU A 20 -27.68 12.39 -17.09
CA LEU A 20 -27.16 12.22 -18.42
C LEU A 20 -28.03 11.29 -19.23
N ARG A 21 -27.98 11.46 -20.54
CA ARG A 21 -28.70 10.59 -21.43
C ARG A 21 -27.65 10.09 -22.39
N TYR A 22 -27.77 8.86 -22.81
CA TYR A 22 -26.80 8.28 -23.71
C TYR A 22 -27.03 8.65 -25.16
N ARG A 23 -28.26 8.98 -25.48
CA ARG A 23 -28.66 9.40 -26.80
C ARG A 23 -29.68 10.48 -26.62
N PRO A 24 -29.79 11.38 -27.60
CA PRO A 24 -30.77 12.47 -27.50
C PRO A 24 -32.18 12.00 -27.22
N GLU A 25 -32.68 11.04 -27.99
CA GLU A 25 -34.07 10.63 -27.87
C GLU A 25 -34.37 9.93 -26.56
N LEU A 26 -33.39 9.35 -25.92
CA LEU A 26 -33.69 8.58 -24.74
C LEU A 26 -33.95 9.37 -23.51
N PRO A 27 -34.58 8.74 -22.51
CA PRO A 27 -34.77 9.41 -21.22
C PRO A 27 -33.46 9.49 -20.45
N LEU A 28 -33.45 10.32 -19.42
CA LEU A 28 -32.24 10.49 -18.67
C LEU A 28 -31.88 9.17 -18.04
N ALA A 29 -30.65 8.74 -18.27
CA ALA A 29 -30.16 7.51 -17.70
C ALA A 29 -30.03 7.67 -16.21
N VAL A 30 -29.54 8.82 -15.82
CA VAL A 30 -29.33 9.15 -14.43
C VAL A 30 -29.86 10.57 -14.27
N GLN A 31 -30.49 10.88 -13.15
CA GLN A 31 -31.00 12.23 -12.96
C GLN A 31 -30.97 12.73 -11.53
N GLY A 32 -30.78 14.05 -11.40
CA GLY A 32 -30.76 14.70 -10.10
C GLY A 32 -29.76 14.15 -9.12
N VAL A 33 -28.59 13.77 -9.60
CA VAL A 33 -27.60 13.20 -8.74
C VAL A 33 -26.76 14.28 -8.15
N SER A 34 -26.86 14.43 -6.84
CA SER A 34 -26.10 15.43 -6.10
C SER A 34 -25.41 14.71 -4.96
N PHE A 35 -24.09 14.79 -4.93
CA PHE A 35 -23.27 14.25 -3.85
C PHE A 35 -21.86 14.81 -3.98
N LYS A 36 -21.16 14.88 -2.85
CA LYS A 36 -19.79 15.39 -2.81
C LYS A 36 -18.89 14.28 -2.30
N ILE A 37 -17.91 13.90 -3.10
CA ILE A 37 -16.87 12.97 -2.69
C ILE A 37 -15.64 13.80 -2.33
N HIS A 38 -15.08 13.57 -1.15
CA HIS A 38 -13.94 14.36 -0.71
C HIS A 38 -12.64 13.79 -1.26
N ALA A 39 -11.68 14.69 -1.49
CA ALA A 39 -10.41 14.29 -2.06
C ALA A 39 -9.78 13.17 -1.23
N GLY A 40 -9.35 12.11 -1.90
CA GLY A 40 -8.74 10.96 -1.26
C GLY A 40 -9.70 9.94 -0.69
N GLU A 41 -11.01 10.13 -0.86
CA GLU A 41 -11.98 9.21 -0.27
C GLU A 41 -12.20 7.98 -1.14
N LYS A 42 -12.61 6.90 -0.50
CA LYS A 42 -12.96 5.70 -1.21
C LYS A 42 -14.42 5.48 -0.90
N VAL A 43 -15.23 5.59 -1.93
CA VAL A 43 -16.68 5.49 -1.82
C VAL A 43 -17.14 4.34 -2.70
N GLY A 44 -17.90 3.42 -2.11
CA GLY A 44 -18.51 2.35 -2.90
C GLY A 44 -19.79 2.86 -3.54
N ILE A 45 -20.04 2.38 -4.76
CA ILE A 45 -21.26 2.70 -5.50
C ILE A 45 -21.96 1.39 -5.80
N VAL A 46 -23.18 1.23 -5.26
CA VAL A 46 -23.92 -0.01 -5.34
C VAL A 46 -25.30 0.26 -5.95
N GLY A 47 -25.88 -0.77 -6.55
CA GLY A 47 -27.18 -0.65 -7.16
C GLY A 47 -27.44 -1.82 -8.08
N ARG A 48 -28.66 -2.00 -8.54
CA ARG A 48 -28.90 -3.09 -9.46
C ARG A 48 -28.48 -2.70 -10.86
N THR A 49 -28.50 -3.65 -11.76
CA THR A 49 -28.14 -3.35 -13.11
C THR A 49 -29.17 -2.39 -13.60
N GLY A 50 -28.67 -1.30 -14.17
CA GLY A 50 -29.51 -0.25 -14.64
C GLY A 50 -29.76 0.92 -13.74
N ALA A 51 -29.27 0.82 -12.52
CA ALA A 51 -29.41 1.85 -11.52
C ALA A 51 -28.69 3.15 -11.76
N GLY A 52 -27.57 3.12 -12.44
CA GLY A 52 -26.84 4.35 -12.65
C GLY A 52 -25.44 4.45 -12.14
N LYS A 53 -24.89 3.35 -11.68
CA LYS A 53 -23.53 3.31 -11.22
C LYS A 53 -22.52 3.59 -12.29
N SER A 54 -22.65 2.98 -13.47
CA SER A 54 -21.72 3.25 -14.56
C SER A 54 -21.88 4.63 -15.18
N SER A 55 -23.06 5.18 -15.07
CA SER A 55 -23.36 6.46 -15.61
C SER A 55 -22.68 7.53 -14.83
N LEU A 56 -22.49 7.30 -13.55
CA LEU A 56 -21.74 8.30 -12.78
C LEU A 56 -20.31 8.40 -13.29
N ALA A 57 -19.65 7.25 -13.47
CA ALA A 57 -18.32 7.26 -14.05
C ALA A 57 -18.34 7.79 -15.48
N SER A 58 -19.40 7.47 -16.23
CA SER A 58 -19.47 7.94 -17.60
C SER A 58 -19.76 9.44 -17.65
N GLY A 59 -20.39 9.98 -16.61
CA GLY A 59 -20.54 11.43 -16.52
C GLY A 59 -19.25 12.11 -16.13
N LEU A 60 -18.52 11.53 -15.19
CA LEU A 60 -17.21 12.04 -14.80
C LEU A 60 -16.30 12.16 -16.01
N LEU A 61 -16.07 11.06 -16.72
CA LEU A 61 -15.26 11.05 -17.93
C LEU A 61 -15.89 11.84 -19.06
N ARG A 62 -17.05 12.42 -18.85
CA ARG A 62 -17.72 13.18 -19.88
C ARG A 62 -17.84 12.46 -21.19
N LEU A 63 -18.08 11.15 -21.09
CA LEU A 63 -18.36 10.27 -22.21
C LEU A 63 -19.71 10.66 -22.77
N GLN A 64 -20.60 10.98 -21.84
CA GLN A 64 -21.90 11.52 -22.07
C GLN A 64 -21.81 12.90 -21.46
N GLU A 65 -22.31 13.90 -22.15
CA GLU A 65 -22.30 15.25 -21.65
C GLU A 65 -23.40 15.47 -20.63
N ALA A 66 -23.30 16.53 -19.84
CA ALA A 66 -24.31 16.77 -18.86
C ALA A 66 -25.63 17.17 -19.45
N ALA A 67 -26.70 16.56 -18.99
CA ALA A 67 -28.01 16.86 -19.47
C ALA A 67 -28.66 17.69 -18.43
N GLU A 68 -28.23 17.51 -17.21
CA GLU A 68 -28.76 18.30 -16.11
C GLU A 68 -27.66 18.54 -15.10
N GLY A 69 -27.71 19.71 -14.47
CA GLY A 69 -26.73 20.04 -13.45
C GLY A 69 -25.32 20.04 -14.01
N GLY A 70 -24.41 19.42 -13.27
CA GLY A 70 -23.03 19.37 -13.71
C GLY A 70 -22.22 18.62 -12.67
N ILE A 71 -20.97 18.36 -13.04
CA ILE A 71 -19.99 17.75 -12.15
C ILE A 71 -18.85 18.73 -11.99
N TRP A 72 -18.27 18.74 -10.79
CA TRP A 72 -17.16 19.62 -10.43
C TRP A 72 -16.09 18.78 -9.76
N ILE A 73 -14.86 18.89 -10.24
CA ILE A 73 -13.72 18.17 -9.66
C ILE A 73 -12.76 19.21 -9.11
N ASP A 74 -12.68 19.29 -7.78
CA ASP A 74 -11.83 20.28 -7.10
C ASP A 74 -12.27 21.71 -7.44
N GLY A 75 -13.59 21.94 -7.40
CA GLY A 75 -14.13 23.25 -7.69
C GLY A 75 -14.12 23.66 -9.14
N VAL A 76 -13.62 22.82 -10.02
CA VAL A 76 -13.55 23.12 -11.46
C VAL A 76 -14.67 22.34 -12.15
N PRO A 77 -15.57 23.00 -12.87
CA PRO A 77 -16.59 22.28 -13.63
C PRO A 77 -15.95 21.49 -14.76
N ILE A 78 -16.06 20.16 -14.70
CA ILE A 78 -15.51 19.33 -15.75
C ILE A 78 -16.05 19.75 -17.11
N ALA A 79 -17.23 20.39 -17.13
CA ALA A 79 -17.76 20.92 -18.37
C ALA A 79 -16.83 21.92 -19.03
N HIS A 80 -15.93 22.53 -18.26
CA HIS A 80 -14.99 23.53 -18.78
C HIS A 80 -13.55 23.05 -18.64
N VAL A 81 -13.34 21.74 -18.70
CA VAL A 81 -12.01 21.14 -18.57
C VAL A 81 -11.73 20.35 -19.84
N GLY A 82 -10.59 20.62 -20.46
CA GLY A 82 -10.18 19.85 -21.62
C GLY A 82 -10.37 18.37 -21.37
N LEU A 83 -10.91 17.65 -22.35
CA LEU A 83 -11.22 16.24 -22.16
C LEU A 83 -9.96 15.42 -21.86
N HIS A 84 -8.91 15.60 -22.66
CA HIS A 84 -7.65 14.92 -22.37
C HIS A 84 -7.21 15.21 -20.94
N THR A 85 -7.18 16.49 -20.57
CA THR A 85 -6.89 16.84 -19.19
C THR A 85 -7.87 16.14 -18.25
N LEU A 86 -9.17 16.38 -18.45
CA LEU A 86 -10.18 15.78 -17.60
C LEU A 86 -9.90 14.31 -17.36
N ARG A 87 -9.58 13.57 -18.42
CA ARG A 87 -9.42 12.13 -18.39
C ARG A 87 -8.01 11.67 -18.07
N SER A 88 -7.04 12.58 -18.00
CA SER A 88 -5.64 12.18 -17.86
C SER A 88 -5.35 11.60 -16.48
N ARG A 89 -5.83 12.26 -15.43
CA ARG A 89 -5.58 11.78 -14.07
C ARG A 89 -6.82 11.15 -13.46
N ILE A 90 -7.77 10.77 -14.29
CA ILE A 90 -8.94 10.01 -13.85
C ILE A 90 -8.87 8.67 -14.57
N SER A 91 -8.69 7.60 -13.80
CA SER A 91 -8.42 6.28 -14.35
C SER A 91 -9.51 5.31 -13.94
N ILE A 92 -9.90 4.47 -14.87
CA ILE A 92 -10.95 3.48 -14.65
C ILE A 92 -10.35 2.09 -14.82
N ILE A 93 -10.71 1.19 -13.91
CA ILE A 93 -10.31 -0.22 -13.93
C ILE A 93 -11.54 -1.06 -14.25
N PRO A 94 -11.71 -1.52 -15.48
CA PRO A 94 -12.94 -2.23 -15.86
C PRO A 94 -12.94 -3.66 -15.35
N GLN A 95 -14.08 -4.30 -15.53
CA GLN A 95 -14.26 -5.66 -15.09
C GLN A 95 -13.44 -6.61 -15.89
N ASP A 96 -13.35 -6.40 -17.20
CA ASP A 96 -12.59 -7.22 -18.15
C ASP A 96 -11.76 -6.29 -19.02
N PRO A 97 -10.71 -5.70 -18.47
CA PRO A 97 -9.89 -4.76 -19.25
C PRO A 97 -9.38 -5.42 -20.53
N ILE A 98 -9.48 -4.69 -21.63
CA ILE A 98 -8.98 -5.13 -22.93
C ILE A 98 -7.63 -4.48 -23.15
N LEU A 99 -6.58 -5.28 -23.26
CA LEU A 99 -5.27 -4.75 -23.61
C LEU A 99 -5.29 -4.22 -25.03
N PHE A 100 -4.85 -2.98 -25.19
CA PHE A 100 -4.67 -2.42 -26.53
C PHE A 100 -3.76 -3.34 -27.34
N PRO A 101 -4.18 -3.79 -28.54
CA PRO A 101 -3.35 -4.75 -29.28
C PRO A 101 -1.93 -4.25 -29.52
N GLY A 102 -0.94 -4.90 -28.92
CA GLY A 102 0.43 -4.50 -29.13
C GLY A 102 1.25 -4.63 -27.86
N SER A 103 2.26 -3.76 -27.76
CA SER A 103 3.26 -3.87 -26.71
C SER A 103 2.63 -3.71 -25.32
N LEU A 104 3.13 -4.47 -24.37
CA LEU A 104 2.67 -4.37 -23.01
C LEU A 104 3.00 -3.00 -22.52
N ARG A 105 4.24 -2.57 -22.72
CA ARG A 105 4.64 -1.24 -22.33
C ARG A 105 3.74 -0.21 -22.96
N MET A 106 3.30 -0.45 -24.17
CA MET A 106 2.42 0.47 -24.82
C MET A 106 1.13 0.55 -24.06
N ASN A 107 0.62 -0.56 -23.58
CA ASN A 107 -0.62 -0.50 -22.84
C ASN A 107 -0.46 0.28 -21.56
N LEU A 108 0.62 0.01 -20.86
CA LEU A 108 0.94 0.70 -19.64
C LEU A 108 1.28 2.15 -19.84
N ASP A 109 2.01 2.43 -20.89
CA ASP A 109 2.42 3.78 -21.20
C ASP A 109 2.28 4.10 -22.67
N LEU A 110 1.08 4.40 -23.16
CA LEU A 110 0.98 4.69 -24.57
C LEU A 110 1.71 5.95 -24.99
N LEU A 111 1.63 6.97 -24.17
CA LEU A 111 2.27 8.23 -24.47
C LEU A 111 3.78 8.28 -24.26
N GLN A 112 4.34 7.22 -23.72
CA GLN A 112 5.76 7.06 -23.44
C GLN A 112 6.30 8.13 -22.55
N GLU A 113 5.52 8.49 -21.56
CA GLU A 113 5.84 9.54 -20.62
C GLU A 113 6.59 9.08 -19.43
N HIS A 114 6.87 7.80 -19.38
CA HIS A 114 7.59 7.22 -18.28
C HIS A 114 8.75 6.46 -18.78
N SER A 115 9.65 6.20 -17.86
CA SER A 115 10.81 5.38 -18.13
C SER A 115 10.50 3.93 -17.79
N ASP A 116 11.14 3.00 -18.51
CA ASP A 116 11.01 1.59 -18.14
C ASP A 116 11.23 1.40 -16.65
N GLU A 117 12.15 2.18 -16.08
CA GLU A 117 12.36 2.14 -14.63
C GLU A 117 11.04 2.39 -13.90
N ALA A 118 10.41 3.53 -14.18
CA ALA A 118 9.18 3.90 -13.48
C ALA A 118 8.04 2.93 -13.77
N ILE A 119 8.05 2.30 -14.96
CA ILE A 119 6.99 1.36 -15.28
C ILE A 119 7.18 0.06 -14.49
N TRP A 120 8.40 -0.40 -14.36
CA TRP A 120 8.65 -1.61 -13.60
C TRP A 120 8.28 -1.38 -12.14
N ALA A 121 8.55 -0.21 -11.61
CA ALA A 121 8.12 0.11 -10.25
C ALA A 121 6.62 -0.08 -10.11
N ALA A 122 5.84 0.56 -10.98
CA ALA A 122 4.39 0.39 -10.97
C ALA A 122 4.00 -1.08 -11.01
N LEU A 123 4.65 -1.85 -11.86
CA LEU A 123 4.34 -3.25 -11.93
C LEU A 123 4.65 -3.90 -10.60
N GLU A 124 5.84 -3.68 -10.06
CA GLU A 124 6.16 -4.25 -8.75
C GLU A 124 5.21 -3.74 -7.69
N THR A 125 4.66 -2.55 -7.87
CA THR A 125 3.66 -2.03 -6.94
C THR A 125 2.41 -2.89 -6.96
N VAL A 126 1.95 -3.28 -8.14
CA VAL A 126 0.77 -4.14 -8.25
C VAL A 126 1.21 -5.59 -8.23
N GLN A 127 2.48 -5.81 -7.87
CA GLN A 127 3.02 -7.17 -7.74
C GLN A 127 2.84 -7.96 -9.03
N LEU A 128 3.25 -7.36 -10.13
CA LEU A 128 3.21 -8.02 -11.40
C LEU A 128 4.54 -7.97 -12.07
N LYS A 129 5.55 -7.46 -11.38
CA LYS A 129 6.88 -7.34 -11.95
C LYS A 129 7.42 -8.69 -12.25
N ALA A 130 7.25 -9.61 -11.33
CA ALA A 130 7.72 -10.96 -11.54
C ALA A 130 7.01 -11.63 -12.72
N LEU A 131 5.72 -11.42 -12.83
CA LEU A 131 4.98 -11.99 -13.92
C LEU A 131 5.46 -11.40 -15.20
N VAL A 132 5.60 -10.09 -15.23
CA VAL A 132 6.04 -9.40 -16.43
C VAL A 132 7.46 -9.79 -16.78
N ALA A 133 8.31 -9.95 -15.78
CA ALA A 133 9.67 -10.39 -16.02
C ALA A 133 9.67 -11.79 -16.63
N SER A 134 8.69 -12.59 -16.25
CA SER A 134 8.49 -13.93 -16.75
C SER A 134 8.03 -13.95 -18.20
N LEU A 135 7.34 -12.90 -18.60
CA LEU A 135 6.78 -12.79 -19.93
C LEU A 135 7.83 -12.85 -20.99
N PRO A 136 7.46 -13.41 -22.13
CA PRO A 136 8.39 -13.64 -23.22
C PRO A 136 9.02 -12.35 -23.70
N GLY A 137 8.27 -11.29 -23.87
CA GLY A 137 8.89 -10.07 -24.31
C GLY A 137 9.17 -9.08 -23.20
N GLN A 138 8.82 -9.46 -21.97
CA GLN A 138 8.91 -8.61 -20.80
C GLN A 138 8.08 -7.39 -21.07
N LEU A 139 8.65 -6.20 -21.03
CA LEU A 139 7.85 -5.02 -21.33
C LEU A 139 7.31 -4.97 -22.75
N GLN A 140 8.08 -5.49 -23.69
CA GLN A 140 7.72 -5.50 -25.10
C GLN A 140 6.79 -6.62 -25.49
N TYR A 141 6.46 -7.43 -24.51
CA TYR A 141 5.50 -8.50 -24.69
C TYR A 141 4.24 -7.96 -25.34
N LYS A 142 3.73 -8.67 -26.34
CA LYS A 142 2.60 -8.20 -27.14
C LYS A 142 1.33 -8.97 -26.79
N CYS A 143 0.20 -8.32 -27.05
CA CYS A 143 -1.11 -8.91 -26.81
C CYS A 143 -2.12 -8.50 -27.87
N ASP A 149 -3.94 -15.34 -22.80
CA ASP A 149 -2.98 -14.37 -22.29
C ASP A 149 -3.20 -14.12 -20.79
N LEU A 150 -2.81 -12.93 -20.33
CA LEU A 150 -2.90 -12.60 -18.91
C LEU A 150 -4.34 -12.66 -18.43
N SER A 151 -4.51 -13.14 -17.20
CA SER A 151 -5.85 -13.32 -16.64
C SER A 151 -6.54 -11.98 -16.43
N VAL A 152 -7.87 -12.02 -16.32
CA VAL A 152 -8.65 -10.81 -16.10
C VAL A 152 -8.18 -10.10 -14.85
N GLY A 153 -7.96 -10.84 -13.76
CA GLY A 153 -7.42 -10.23 -12.57
C GLY A 153 -6.09 -9.54 -12.83
N GLN A 154 -5.21 -10.19 -13.58
CA GLN A 154 -3.93 -9.58 -13.91
C GLN A 154 -4.12 -8.34 -14.77
N LYS A 155 -4.97 -8.41 -15.78
CA LYS A 155 -5.22 -7.23 -16.61
C LYS A 155 -5.69 -6.05 -15.76
N GLN A 156 -6.54 -6.33 -14.75
CA GLN A 156 -6.96 -5.26 -13.85
C GLN A 156 -5.76 -4.68 -13.10
N LEU A 157 -4.94 -5.55 -12.50
CA LEU A 157 -3.73 -5.09 -11.83
C LEU A 157 -2.88 -4.23 -12.76
N LEU A 158 -2.67 -4.69 -13.98
CA LEU A 158 -1.93 -3.92 -14.98
C LEU A 158 -2.58 -2.58 -15.17
N CYS A 159 -3.90 -2.57 -15.17
CA CYS A 159 -4.62 -1.30 -15.20
C CYS A 159 -4.32 -0.48 -13.97
N LEU A 160 -4.25 -1.13 -12.81
CA LEU A 160 -3.90 -0.43 -11.58
C LEU A 160 -2.50 0.18 -11.67
N ALA A 161 -1.53 -0.60 -12.16
CA ALA A 161 -0.20 -0.06 -12.36
C ALA A 161 -0.22 1.12 -13.31
N ARG A 162 -1.01 1.02 -14.39
CA ARG A 162 -1.12 2.15 -15.30
C ARG A 162 -1.78 3.33 -14.60
N ALA A 163 -2.78 3.07 -13.75
CA ALA A 163 -3.40 4.14 -13.00
C ALA A 163 -2.39 4.84 -12.10
N LEU A 164 -1.42 4.09 -11.56
CA LEU A 164 -0.34 4.70 -10.79
C LEU A 164 0.52 5.58 -11.68
N LEU A 165 0.97 5.05 -12.80
CA LEU A 165 1.84 5.83 -13.69
C LEU A 165 1.18 7.13 -14.10
N ARG A 166 -0.15 7.11 -14.28
CA ARG A 166 -0.89 8.28 -14.73
C ARG A 166 -0.98 9.38 -13.69
N LYS A 167 -0.45 9.17 -12.48
CA LYS A 167 -0.65 10.10 -11.38
C LYS A 167 -2.13 10.31 -11.13
N THR A 168 -2.89 9.22 -11.17
CA THR A 168 -4.33 9.28 -11.07
C THR A 168 -4.75 9.75 -9.69
N GLN A 169 -5.64 10.75 -9.66
CA GLN A 169 -6.23 11.22 -8.42
C GLN A 169 -7.70 10.83 -8.29
N ILE A 170 -8.31 10.27 -9.32
CA ILE A 170 -9.66 9.74 -9.25
C ILE A 170 -9.64 8.35 -9.89
N LEU A 171 -9.72 7.32 -9.06
CA LEU A 171 -9.65 5.93 -9.48
C LEU A 171 -11.06 5.34 -9.46
N ILE A 172 -11.63 5.14 -10.65
CA ILE A 172 -12.92 4.50 -10.80
C ILE A 172 -12.67 3.01 -11.01
N LEU A 173 -13.13 2.18 -10.11
CA LEU A 173 -12.91 0.77 -10.18
C LEU A 173 -14.17 0.00 -10.49
N ASP A 174 -14.13 -0.85 -11.50
CA ASP A 174 -15.31 -1.60 -11.83
C ASP A 174 -15.08 -3.03 -11.45
N GLU A 175 -15.95 -3.53 -10.60
CA GLU A 175 -15.83 -4.88 -10.09
C GLU A 175 -16.08 -5.96 -11.11
N ALA A 176 -15.29 -7.01 -11.12
CA ALA A 176 -15.54 -8.05 -12.10
C ALA A 176 -16.76 -8.84 -11.74
N THR A 177 -17.71 -8.93 -12.65
CA THR A 177 -18.92 -9.67 -12.40
C THR A 177 -18.61 -11.14 -12.30
N ALA A 178 -17.55 -11.55 -12.98
CA ALA A 178 -17.07 -12.92 -12.97
C ALA A 178 -16.39 -13.25 -11.64
N ALA A 179 -16.23 -14.54 -11.38
CA ALA A 179 -15.60 -15.01 -10.15
C ALA A 179 -14.29 -14.26 -9.90
N VAL A 180 -14.14 -13.72 -8.69
CA VAL A 180 -13.01 -12.87 -8.36
C VAL A 180 -11.80 -13.74 -8.04
N ASP A 181 -10.65 -13.38 -8.60
CA ASP A 181 -9.40 -14.07 -8.27
C ASP A 181 -9.04 -13.79 -6.82
N PRO A 182 -8.83 -14.81 -5.98
CA PRO A 182 -8.51 -14.53 -4.58
C PRO A 182 -7.23 -13.73 -4.40
N GLY A 183 -6.22 -13.95 -5.25
CA GLY A 183 -4.97 -13.20 -5.14
C GLY A 183 -5.05 -11.80 -5.72
N THR A 184 -5.87 -11.60 -6.75
CA THR A 184 -6.09 -10.26 -7.28
C THR A 184 -6.79 -9.37 -6.26
N GLU A 185 -7.85 -9.89 -5.62
CA GLU A 185 -8.53 -9.12 -4.59
C GLU A 185 -7.57 -8.78 -3.45
N LEU A 186 -6.68 -9.72 -3.12
CA LEU A 186 -5.73 -9.48 -2.04
C LEU A 186 -4.81 -8.32 -2.37
N GLN A 187 -4.27 -8.31 -3.58
CA GLN A 187 -3.36 -7.24 -3.99
C GLN A 187 -4.10 -5.95 -4.27
N MET A 188 -5.30 -6.05 -4.86
CA MET A 188 -6.09 -4.85 -5.15
C MET A 188 -6.39 -4.07 -3.88
N GLN A 189 -6.94 -4.75 -2.86
CA GLN A 189 -7.22 -4.07 -1.60
C GLN A 189 -5.93 -3.64 -0.92
N ALA A 190 -4.88 -4.43 -1.07
CA ALA A 190 -3.62 -4.10 -0.49
C ALA A 190 -3.09 -2.76 -0.90
N MET A 191 -3.44 -2.34 -2.10
CA MET A 191 -2.93 -1.09 -2.66
C MET A 191 -3.89 0.07 -2.53
N LEU A 192 -5.19 -0.19 -2.48
CA LEU A 192 -6.16 0.89 -2.45
C LEU A 192 -5.96 1.81 -1.25
N GLY A 193 -5.44 1.26 -0.13
CA GLY A 193 -5.25 2.05 1.06
C GLY A 193 -3.83 2.54 1.26
N SER A 194 -2.92 2.11 0.37
CA SER A 194 -1.52 2.48 0.51
C SER A 194 -1.03 3.35 -0.64
N TRP A 195 -1.03 2.84 -1.86
CA TRP A 195 -0.59 3.62 -3.02
C TRP A 195 -1.68 4.52 -3.54
N PHE A 196 -2.93 4.15 -3.32
CA PHE A 196 -4.08 4.99 -3.66
C PHE A 196 -4.71 5.57 -2.39
N ALA A 197 -3.94 5.64 -1.30
CA ALA A 197 -4.47 6.23 -0.07
C ALA A 197 -4.95 7.65 -0.32
N GLN A 198 -4.12 8.49 -0.94
CA GLN A 198 -4.48 9.84 -1.26
C GLN A 198 -5.33 9.94 -2.51
N CYS A 199 -5.58 8.81 -3.17
CA CYS A 199 -6.37 8.79 -4.40
C CYS A 199 -7.85 8.62 -4.07
N THR A 200 -8.69 9.45 -4.72
CA THR A 200 -10.12 9.23 -4.64
C THR A 200 -10.46 7.97 -5.42
N VAL A 201 -11.24 7.08 -4.81
CA VAL A 201 -11.55 5.79 -5.40
C VAL A 201 -13.06 5.65 -5.44
N LEU A 202 -13.63 5.65 -6.65
CA LEU A 202 -15.02 5.25 -6.89
C LEU A 202 -15.02 3.78 -7.24
N LEU A 203 -15.51 2.96 -6.35
CA LEU A 203 -15.61 1.55 -6.61
C LEU A 203 -17.04 1.22 -6.96
N ILE A 204 -17.32 0.88 -8.21
CA ILE A 204 -18.65 0.53 -8.60
C ILE A 204 -18.75 -0.95 -8.38
N ALA A 205 -19.56 -1.31 -7.41
CA ALA A 205 -19.67 -2.68 -7.00
C ALA A 205 -20.93 -3.40 -7.37
N HIS A 206 -20.73 -4.62 -7.82
CA HIS A 206 -21.84 -5.47 -8.18
C HIS A 206 -22.12 -6.52 -7.15
N ARG A 207 -21.29 -6.55 -6.11
CA ARG A 207 -21.47 -7.44 -5.00
C ARG A 207 -21.51 -6.56 -3.79
N LEU A 208 -22.61 -6.56 -3.07
CA LEU A 208 -22.72 -5.65 -1.94
C LEU A 208 -21.63 -5.90 -0.90
N ARG A 209 -21.22 -7.15 -0.74
CA ARG A 209 -20.20 -7.46 0.27
C ARG A 209 -18.93 -6.65 0.06
N SER A 210 -18.65 -6.25 -1.17
CA SER A 210 -17.42 -5.57 -1.44
C SER A 210 -17.30 -4.16 -0.94
N VAL A 211 -18.44 -3.56 -0.63
CA VAL A 211 -18.46 -2.18 -0.15
C VAL A 211 -18.77 -2.09 1.34
N MET A 212 -18.80 -3.22 2.04
CA MET A 212 -19.15 -3.21 3.47
C MET A 212 -18.09 -2.48 4.29
N ASP A 213 -16.81 -2.72 4.01
CA ASP A 213 -15.76 -1.99 4.71
C ASP A 213 -15.62 -0.54 4.26
N CYS A 214 -16.19 -0.17 3.11
CA CYS A 214 -16.17 1.23 2.70
C CYS A 214 -16.73 2.12 3.81
N ALA A 215 -16.18 3.33 3.92
CA ALA A 215 -16.71 4.29 4.87
C ALA A 215 -17.96 4.99 4.35
N ARG A 216 -18.23 4.90 3.05
CA ARG A 216 -19.37 5.57 2.45
C ARG A 216 -19.76 4.86 1.17
N VAL A 217 -21.06 4.71 0.96
CA VAL A 217 -21.60 4.06 -0.22
C VAL A 217 -22.73 4.91 -0.76
N LEU A 218 -22.68 5.20 -2.06
CA LEU A 218 -23.82 5.77 -2.76
C LEU A 218 -24.66 4.62 -3.30
N VAL A 219 -25.96 4.66 -3.03
CA VAL A 219 -26.88 3.62 -3.45
C VAL A 219 -27.65 4.15 -4.65
N MET A 220 -27.37 3.60 -5.82
CA MET A 220 -28.05 4.01 -7.04
C MET A 220 -29.35 3.25 -7.20
N ASP A 221 -30.39 3.94 -7.69
CA ASP A 221 -31.69 3.32 -7.82
C ASP A 221 -32.44 3.97 -8.97
N LYS A 222 -32.61 3.24 -10.07
CA LYS A 222 -33.37 3.70 -11.23
C LYS A 222 -32.95 5.10 -11.66
N GLY A 223 -31.64 5.29 -11.74
CA GLY A 223 -31.07 6.52 -12.26
C GLY A 223 -31.01 7.68 -11.29
N GLN A 224 -31.27 7.45 -10.01
CA GLN A 224 -31.23 8.51 -9.01
C GLN A 224 -30.47 8.03 -7.79
N VAL A 225 -29.75 8.93 -7.14
CA VAL A 225 -29.12 8.58 -5.89
C VAL A 225 -30.22 8.26 -4.89
N ALA A 226 -30.20 7.04 -4.36
CA ALA A 226 -31.26 6.57 -3.46
C ALA A 226 -30.95 6.85 -2.00
N GLU A 227 -29.73 6.53 -1.57
CA GLU A 227 -29.30 6.75 -0.19
C GLU A 227 -27.79 6.78 -0.15
N SER A 228 -27.26 7.44 0.89
CA SER A 228 -25.83 7.65 1.04
C SER A 228 -25.46 7.52 2.51
N GLY A 229 -24.17 7.26 2.76
CA GLY A 229 -23.69 6.99 4.10
C GLY A 229 -22.96 5.67 4.16
N SER A 230 -22.50 5.34 5.36
CA SER A 230 -21.75 4.11 5.54
C SER A 230 -22.66 2.89 5.40
N PRO A 231 -22.07 1.71 5.20
CA PRO A 231 -22.89 0.49 5.20
C PRO A 231 -23.68 0.31 6.48
N ALA A 232 -23.08 0.63 7.63
CA ALA A 232 -23.79 0.56 8.90
C ALA A 232 -24.98 1.52 8.90
N GLN A 233 -24.74 2.78 8.51
CA GLN A 233 -25.83 3.73 8.41
C GLN A 233 -26.93 3.22 7.49
N LEU A 234 -26.56 2.80 6.28
CA LEU A 234 -27.55 2.35 5.30
C LEU A 234 -28.21 1.05 5.71
N LEU A 235 -27.46 0.15 6.37
CA LEU A 235 -28.09 -1.06 6.90
C LEU A 235 -29.11 -0.71 7.97
N ALA A 236 -28.78 0.26 8.83
CA ALA A 236 -29.73 0.68 9.85
C ALA A 236 -30.96 1.31 9.23
N GLN A 237 -30.80 2.06 8.14
CA GLN A 237 -31.95 2.70 7.50
C GLN A 237 -32.95 1.68 6.97
N LYS A 238 -32.56 0.41 6.85
CA LYS A 238 -33.41 -0.63 6.30
C LYS A 238 -34.03 -0.18 4.98
N GLY A 239 -33.22 0.46 4.15
CA GLY A 239 -33.64 1.00 2.87
C GLY A 239 -33.27 0.10 1.71
N LEU A 240 -33.05 0.71 0.55
CA LEU A 240 -32.64 -0.07 -0.62
C LEU A 240 -31.34 -0.82 -0.34
N PHE A 241 -30.38 -0.14 0.29
CA PHE A 241 -29.12 -0.81 0.64
C PHE A 241 -29.38 -2.04 1.49
N TYR A 242 -30.24 -1.91 2.50
CA TYR A 242 -30.58 -3.05 3.35
C TYR A 242 -31.21 -4.17 2.54
N ARG A 243 -32.15 -3.83 1.66
CA ARG A 243 -32.77 -4.84 0.82
C ARG A 243 -31.72 -5.58 -0.01
N LEU A 244 -30.76 -4.87 -0.57
CA LEU A 244 -29.74 -5.52 -1.38
C LEU A 244 -28.91 -6.49 -0.53
N ALA A 245 -28.65 -6.13 0.73
CA ALA A 245 -27.89 -7.01 1.62
C ALA A 245 -28.65 -8.29 1.91
N GLN A 246 -29.96 -8.20 2.13
CA GLN A 246 -30.78 -9.38 2.33
C GLN A 246 -30.70 -10.30 1.10
N GLU A 247 -31.01 -9.75 -0.08
CA GLU A 247 -30.89 -10.52 -1.31
C GLU A 247 -29.51 -11.14 -1.45
N SER A 248 -28.48 -10.42 -1.01
CA SER A 248 -27.12 -10.94 -1.05
C SER A 248 -26.82 -11.92 0.07
N GLY A 249 -27.71 -12.03 1.06
CA GLY A 249 -27.48 -12.92 2.19
C GLY A 249 -26.52 -12.40 3.24
N LEU A 250 -26.13 -11.13 3.17
CA LEU A 250 -25.20 -10.59 4.16
C LEU A 250 -25.91 -10.34 5.50
N VAL A 251 -27.16 -9.90 5.45
CA VAL A 251 -27.95 -9.68 6.65
C VAL A 251 -29.36 -10.24 6.50
N GLY B 10 14.81 13.01 8.98
CA GLY B 10 15.75 12.59 7.95
C GLY B 10 15.78 11.10 7.66
N GLY B 11 16.58 10.37 8.43
CA GLY B 11 16.74 8.94 8.28
C GLY B 11 18.11 8.49 7.87
N GLN B 12 19.02 9.41 7.55
CA GLN B 12 20.35 9.02 7.10
C GLN B 12 21.12 8.36 8.23
N ILE B 13 21.71 7.20 7.94
CA ILE B 13 22.39 6.37 8.93
C ILE B 13 23.79 6.05 8.44
N GLU B 14 24.77 6.18 9.34
CA GLU B 14 26.15 5.87 9.02
C GLU B 14 26.75 5.04 10.14
N PHE B 15 27.45 3.97 9.77
CA PHE B 15 28.29 3.21 10.67
C PHE B 15 29.74 3.49 10.32
N ARG B 16 30.54 3.83 11.32
CA ARG B 16 31.97 4.09 11.13
C ARG B 16 32.73 3.13 12.03
N ASP B 17 33.28 2.07 11.43
CA ASP B 17 34.04 1.05 12.17
C ASP B 17 33.31 0.63 13.44
N PHE B 18 31.98 0.53 13.32
CA PHE B 18 31.17 0.24 14.48
C PHE B 18 31.45 -1.16 14.99
N GLY B 19 31.50 -1.29 16.30
CA GLY B 19 31.58 -2.57 16.94
C GLY B 19 30.74 -2.56 18.20
N LEU B 20 30.19 -3.72 18.53
CA LEU B 20 29.46 -3.89 19.78
C LEU B 20 29.77 -5.26 20.34
N ARG B 21 29.61 -5.40 21.64
CA ARG B 21 29.69 -6.68 22.32
C ARG B 21 28.51 -6.76 23.29
N TYR B 22 27.93 -7.93 23.42
CA TYR B 22 26.78 -8.08 24.30
C TYR B 22 27.14 -8.14 25.74
N ARG B 23 28.29 -8.70 26.04
CA ARG B 23 28.75 -8.79 27.41
C ARG B 23 30.20 -8.32 27.44
N PRO B 24 30.65 -7.72 28.54
CA PRO B 24 32.04 -7.23 28.60
C PRO B 24 33.07 -8.31 28.37
N GLU B 25 32.86 -9.48 28.96
CA GLU B 25 33.82 -10.57 28.84
C GLU B 25 33.91 -11.08 27.40
N LEU B 26 32.84 -11.07 26.67
CA LEU B 26 32.88 -11.64 25.35
C LEU B 26 33.57 -10.79 24.35
N PRO B 27 33.87 -11.34 23.16
CA PRO B 27 34.49 -10.55 22.09
C PRO B 27 33.47 -9.74 21.32
N LEU B 28 33.92 -9.05 20.26
CA LEU B 28 33.00 -8.26 19.45
C LEU B 28 32.05 -9.16 18.66
N ALA B 29 30.80 -8.73 18.63
CA ALA B 29 29.69 -9.37 17.95
C ALA B 29 29.78 -9.03 16.51
N VAL B 30 29.77 -7.75 16.25
CA VAL B 30 30.01 -7.15 14.94
C VAL B 30 31.17 -6.19 15.09
N GLN B 31 31.98 -6.08 14.03
CA GLN B 31 33.27 -5.41 14.12
C GLN B 31 33.56 -4.72 12.80
N GLY B 32 34.15 -3.52 12.90
CA GLY B 32 34.45 -2.76 11.70
C GLY B 32 33.27 -2.57 10.78
N VAL B 33 32.11 -2.27 11.33
CA VAL B 33 30.91 -2.06 10.52
C VAL B 33 30.92 -0.63 10.01
N SER B 34 30.95 -0.48 8.68
CA SER B 34 31.00 0.83 8.04
C SER B 34 30.11 0.80 6.80
N PHE B 35 28.97 1.48 6.88
CA PHE B 35 28.14 1.70 5.71
C PHE B 35 27.42 3.02 5.89
N LYS B 36 26.85 3.54 4.80
CA LYS B 36 26.09 4.79 4.86
C LYS B 36 24.73 4.56 4.20
N ILE B 37 23.69 4.38 5.01
CA ILE B 37 22.32 4.31 4.53
C ILE B 37 21.77 5.72 4.40
N HIS B 38 21.24 6.04 3.23
CA HIS B 38 20.78 7.40 2.99
C HIS B 38 19.31 7.55 3.40
N ALA B 39 18.90 8.79 3.60
CA ALA B 39 17.55 9.06 4.08
C ALA B 39 16.52 8.43 3.15
N GLY B 40 15.52 7.79 3.73
CA GLY B 40 14.46 7.20 2.95
C GLY B 40 14.88 6.07 2.06
N GLU B 41 15.83 5.29 2.49
CA GLU B 41 16.31 4.23 1.67
C GLU B 41 16.02 2.89 2.27
N LYS B 42 15.64 1.98 1.41
CA LYS B 42 15.33 0.67 1.85
C LYS B 42 16.54 -0.13 1.57
N VAL B 43 17.07 -0.69 2.63
CA VAL B 43 18.25 -1.49 2.59
C VAL B 43 17.88 -2.82 3.14
N GLY B 44 18.44 -3.85 2.57
CA GLY B 44 18.19 -5.15 3.09
C GLY B 44 19.46 -5.64 3.71
N ILE B 45 19.33 -6.05 4.93
CA ILE B 45 20.45 -6.59 5.68
C ILE B 45 20.29 -8.10 5.67
N VAL B 46 21.21 -8.79 5.00
CA VAL B 46 21.17 -10.24 4.87
C VAL B 46 22.43 -10.83 5.47
N GLY B 47 22.37 -12.12 5.75
CA GLY B 47 23.47 -12.83 6.35
C GLY B 47 22.97 -14.03 7.11
N ARG B 48 23.87 -14.90 7.49
CA ARG B 48 23.45 -16.07 8.21
C ARG B 48 23.13 -15.82 9.66
N THR B 49 22.75 -16.88 10.32
CA THR B 49 22.45 -16.81 11.72
C THR B 49 23.72 -16.41 12.41
N GLY B 50 23.65 -15.42 13.27
CA GLY B 50 24.84 -14.97 13.95
C GLY B 50 25.82 -14.13 13.16
N ALA B 51 25.37 -13.53 12.10
CA ALA B 51 26.23 -12.73 11.26
C ALA B 51 26.21 -11.27 11.58
N GLY B 52 25.34 -10.87 12.48
CA GLY B 52 25.25 -9.49 12.85
C GLY B 52 24.13 -8.64 12.32
N LYS B 53 23.15 -9.22 11.64
CA LYS B 53 22.07 -8.42 11.13
C LYS B 53 21.31 -7.76 12.24
N SER B 54 21.01 -8.50 13.28
CA SER B 54 20.35 -7.95 14.45
C SER B 54 21.28 -6.98 15.15
N SER B 55 22.57 -7.27 15.15
CA SER B 55 23.52 -6.45 15.89
C SER B 55 23.46 -5.00 15.43
N LEU B 56 23.30 -4.83 14.13
CA LEU B 56 23.22 -3.50 13.54
C LEU B 56 22.03 -2.73 14.09
N ALA B 57 20.93 -3.44 14.35
CA ALA B 57 19.72 -2.84 14.87
C ALA B 57 19.85 -2.58 16.37
N SER B 58 20.30 -3.58 17.13
CA SER B 58 20.58 -3.37 18.54
C SER B 58 21.56 -2.23 18.75
N GLY B 59 22.49 -2.04 17.82
CA GLY B 59 23.40 -0.90 17.90
C GLY B 59 22.70 0.40 17.56
N LEU B 60 22.00 0.44 16.44
CA LEU B 60 21.27 1.65 16.07
C LEU B 60 20.34 2.08 17.20
N LEU B 61 19.72 1.12 17.88
CA LEU B 61 18.91 1.42 19.05
C LEU B 61 19.74 1.55 20.33
N ARG B 62 21.04 1.27 20.25
CA ARG B 62 21.95 1.31 21.39
C ARG B 62 21.45 0.44 22.55
N LEU B 63 20.71 -0.62 22.23
CA LEU B 63 20.52 -1.68 23.22
C LEU B 63 21.86 -2.19 23.71
N GLN B 64 22.85 -2.22 22.83
CA GLN B 64 24.25 -2.41 23.18
C GLN B 64 25.00 -1.14 22.86
N GLU B 65 25.96 -0.79 23.72
CA GLU B 65 26.72 0.43 23.49
C GLU B 65 27.84 0.18 22.49
N ALA B 66 28.30 1.26 21.87
CA ALA B 66 29.33 1.15 20.84
C ALA B 66 30.64 0.72 21.49
N ALA B 67 31.14 -0.45 21.10
CA ALA B 67 32.43 -0.92 21.57
C ALA B 67 33.58 -0.28 20.79
N GLU B 68 33.44 -0.16 19.47
CA GLU B 68 34.40 0.50 18.62
C GLU B 68 33.65 1.39 17.64
N GLY B 69 34.22 2.54 17.34
CA GLY B 69 33.56 3.42 16.40
C GLY B 69 32.22 3.87 16.93
N GLY B 70 31.31 4.11 16.01
CA GLY B 70 29.96 4.51 16.40
C GLY B 70 29.05 4.56 15.20
N ILE B 71 27.79 4.90 15.47
CA ILE B 71 26.79 5.11 14.43
C ILE B 71 26.38 6.57 14.46
N TRP B 72 26.08 7.12 13.29
CA TRP B 72 25.59 8.48 13.14
C TRP B 72 24.23 8.45 12.45
N ILE B 73 23.25 9.15 13.01
CA ILE B 73 21.92 9.30 12.43
C ILE B 73 21.74 10.76 12.04
N ASP B 74 21.60 11.01 10.74
CA ASP B 74 21.53 12.37 10.22
C ASP B 74 22.70 13.21 10.72
N GLY B 75 23.90 12.62 10.67
CA GLY B 75 25.11 13.32 11.04
C GLY B 75 25.32 13.54 12.53
N VAL B 76 24.38 13.13 13.38
CA VAL B 76 24.50 13.30 14.82
C VAL B 76 24.98 11.98 15.40
N PRO B 77 26.08 11.97 16.16
CA PRO B 77 26.55 10.71 16.75
C PRO B 77 25.52 10.15 17.71
N ILE B 78 25.11 8.92 17.46
CA ILE B 78 24.08 8.27 18.28
C ILE B 78 24.55 8.15 19.72
N ALA B 79 25.85 7.95 19.94
CA ALA B 79 26.38 7.81 21.29
C ALA B 79 26.15 9.06 22.14
N HIS B 80 25.75 10.16 21.53
CA HIS B 80 25.54 11.42 22.23
C HIS B 80 24.09 11.88 22.12
N VAL B 81 23.18 10.94 22.00
CA VAL B 81 21.76 11.26 21.95
C VAL B 81 21.08 10.61 23.16
N GLY B 82 20.02 11.26 23.64
CA GLY B 82 19.22 10.67 24.70
C GLY B 82 18.59 9.38 24.25
N LEU B 83 18.77 8.30 25.02
CA LEU B 83 18.25 7.00 24.60
C LEU B 83 16.76 7.08 24.28
N HIS B 84 16.00 7.88 25.04
CA HIS B 84 14.58 8.01 24.74
C HIS B 84 14.37 8.71 23.40
N THR B 85 15.05 9.84 23.19
CA THR B 85 14.95 10.50 21.89
C THR B 85 15.46 9.59 20.78
N LEU B 86 16.55 8.87 21.03
CA LEU B 86 17.07 7.96 20.01
C LEU B 86 16.03 6.92 19.64
N ARG B 87 15.43 6.27 20.64
CA ARG B 87 14.50 5.18 20.39
C ARG B 87 13.12 5.65 20.00
N SER B 88 12.79 6.92 20.28
CA SER B 88 11.52 7.48 19.81
C SER B 88 11.50 7.63 18.30
N ARG B 89 12.65 7.91 17.73
CA ARG B 89 12.83 8.02 16.30
C ARG B 89 12.84 6.71 15.50
N ILE B 90 13.26 5.63 16.14
CA ILE B 90 13.49 4.35 15.48
C ILE B 90 12.36 3.40 15.86
N SER B 91 11.72 2.83 14.88
CA SER B 91 10.68 1.88 15.08
C SER B 91 11.19 0.54 14.60
N ILE B 92 11.18 -0.46 15.44
CA ILE B 92 11.70 -1.77 15.11
C ILE B 92 10.55 -2.76 15.23
N ILE B 93 10.24 -3.42 14.12
CA ILE B 93 9.13 -4.37 14.04
C ILE B 93 9.70 -5.77 14.17
N PRO B 94 9.60 -6.39 15.35
CA PRO B 94 10.20 -7.72 15.53
C PRO B 94 9.48 -8.76 14.70
N GLN B 95 10.03 -9.96 14.74
CA GLN B 95 9.48 -11.07 14.00
C GLN B 95 8.17 -11.46 14.56
N ASP B 96 8.06 -11.52 15.88
CA ASP B 96 6.86 -11.88 16.62
C ASP B 96 6.58 -10.76 17.61
N PRO B 97 5.98 -9.67 17.15
CA PRO B 97 5.79 -8.50 18.03
C PRO B 97 5.00 -8.88 19.28
N ILE B 98 5.55 -8.52 20.43
CA ILE B 98 4.94 -8.81 21.72
C ILE B 98 4.19 -7.57 22.18
N LEU B 99 2.86 -7.66 22.23
CA LEU B 99 2.02 -6.56 22.68
C LEU B 99 1.95 -6.57 24.20
N PHE B 100 2.32 -5.46 24.82
CA PHE B 100 2.22 -5.36 26.28
C PHE B 100 0.76 -5.43 26.69
N PRO B 101 0.42 -6.20 27.72
CA PRO B 101 -0.99 -6.37 28.10
C PRO B 101 -1.67 -5.02 28.28
N GLY B 102 -2.82 -4.86 27.63
CA GLY B 102 -3.55 -3.62 27.69
C GLY B 102 -4.33 -3.39 26.42
N SER B 103 -4.86 -2.18 26.31
CA SER B 103 -5.70 -1.83 25.18
C SER B 103 -4.89 -1.81 23.89
N LEU B 104 -5.54 -2.20 22.80
CA LEU B 104 -4.91 -2.07 21.49
C LEU B 104 -4.47 -0.63 21.25
N ARG B 105 -5.28 0.32 21.71
CA ARG B 105 -4.98 1.72 21.52
C ARG B 105 -3.69 2.07 22.16
N MET B 106 -3.45 1.51 23.33
CA MET B 106 -2.21 1.72 24.05
C MET B 106 -1.08 1.11 23.28
N ASN B 107 -1.30 -0.05 22.71
CA ASN B 107 -0.28 -0.63 21.93
C ASN B 107 0.02 0.25 20.78
N LEU B 108 -0.95 0.77 20.05
CA LEU B 108 -0.71 1.70 18.95
C LEU B 108 -0.22 3.09 19.33
N ASP B 109 -0.72 3.60 20.44
CA ASP B 109 -0.38 4.92 20.93
C ASP B 109 -0.05 4.96 22.41
N LEU B 110 1.16 4.62 22.79
CA LEU B 110 1.55 4.62 24.20
C LEU B 110 1.48 5.98 24.87
N LEU B 111 1.85 7.01 24.15
CA LEU B 111 1.88 8.36 24.69
C LEU B 111 0.58 9.11 24.58
N GLN B 112 -0.42 8.47 24.00
CA GLN B 112 -1.74 9.07 23.79
C GLN B 112 -1.62 10.35 23.02
N GLU B 113 -0.82 10.31 21.95
CA GLU B 113 -0.52 11.45 21.13
C GLU B 113 -1.37 11.71 19.91
N HIS B 114 -2.30 10.84 19.59
CA HIS B 114 -3.14 11.09 18.45
C HIS B 114 -4.57 10.88 18.80
N SER B 115 -5.44 11.29 17.88
CA SER B 115 -6.87 11.07 18.00
C SER B 115 -7.22 9.64 17.62
N ASP B 116 -8.33 9.15 18.16
CA ASP B 116 -8.86 7.87 17.70
C ASP B 116 -9.06 7.89 16.18
N GLU B 117 -9.46 9.03 15.64
CA GLU B 117 -9.54 9.18 14.19
C GLU B 117 -8.20 8.94 13.52
N ALA B 118 -7.10 9.31 14.18
CA ALA B 118 -5.77 9.11 13.61
C ALA B 118 -5.34 7.65 13.68
N ILE B 119 -5.61 6.99 14.81
CA ILE B 119 -5.26 5.57 14.93
C ILE B 119 -6.00 4.76 13.88
N TRP B 120 -7.32 4.97 13.77
CA TRP B 120 -8.10 4.23 12.78
C TRP B 120 -7.54 4.41 11.38
N ALA B 121 -7.17 5.65 11.04
CA ALA B 121 -6.54 5.91 9.75
C ALA B 121 -5.31 5.03 9.55
N ALA B 122 -4.45 4.95 10.57
CA ALA B 122 -3.29 4.08 10.46
C ALA B 122 -3.71 2.62 10.31
N LEU B 123 -4.74 2.20 11.04
CA LEU B 123 -5.25 0.84 10.86
C LEU B 123 -5.81 0.64 9.46
N GLU B 124 -6.29 1.72 8.82
CA GLU B 124 -6.84 1.59 7.48
C GLU B 124 -5.72 1.39 6.45
N THR B 125 -4.63 2.10 6.60
CA THR B 125 -3.54 1.96 5.67
C THR B 125 -3.03 0.54 5.70
N VAL B 126 -3.06 -0.02 6.89
CA VAL B 126 -2.54 -1.33 7.14
C VAL B 126 -3.53 -2.47 6.85
N GLN B 127 -4.74 -2.10 6.47
CA GLN B 127 -5.83 -3.01 6.13
C GLN B 127 -6.28 -3.94 7.22
N LEU B 128 -6.25 -3.44 8.44
CA LEU B 128 -6.79 -4.20 9.56
C LEU B 128 -7.74 -3.36 10.40
N LYS B 129 -8.29 -2.28 9.84
CA LYS B 129 -9.34 -1.54 10.52
C LYS B 129 -10.59 -2.40 10.69
N ALA B 130 -11.09 -2.97 9.59
CA ALA B 130 -12.18 -3.92 9.68
C ALA B 130 -11.87 -5.00 10.70
N LEU B 131 -10.61 -5.43 10.77
CA LEU B 131 -10.21 -6.42 11.77
C LEU B 131 -10.38 -5.87 13.17
N VAL B 132 -9.82 -4.68 13.43
CA VAL B 132 -9.94 -4.09 14.76
C VAL B 132 -11.38 -3.77 15.09
N ALA B 133 -12.13 -3.22 14.13
CA ALA B 133 -13.54 -2.99 14.36
C ALA B 133 -14.27 -4.28 14.71
N SER B 134 -13.89 -5.40 14.08
CA SER B 134 -14.52 -6.68 14.36
C SER B 134 -14.14 -7.22 15.74
N LEU B 135 -13.15 -6.60 16.37
CA LEU B 135 -12.68 -6.97 17.67
C LEU B 135 -13.66 -6.53 18.71
N PRO B 136 -13.64 -7.20 19.86
CA PRO B 136 -14.52 -6.82 20.94
C PRO B 136 -13.87 -5.66 21.65
N GLY B 137 -14.58 -4.55 21.72
CA GLY B 137 -14.06 -3.37 22.34
C GLY B 137 -13.33 -2.45 21.40
N GLN B 138 -13.17 -2.86 20.16
CA GLN B 138 -12.51 -2.04 19.16
C GLN B 138 -11.12 -1.61 19.60
N LEU B 139 -10.86 -0.32 19.62
CA LEU B 139 -9.55 0.18 20.01
C LEU B 139 -9.16 -0.19 21.43
N GLN B 140 -10.14 -0.24 22.32
CA GLN B 140 -9.85 -0.59 23.70
C GLN B 140 -9.83 -2.10 23.91
N TYR B 141 -9.59 -2.85 22.83
CA TYR B 141 -9.54 -4.30 22.92
C TYR B 141 -8.26 -4.75 23.63
N LYS B 142 -8.39 -5.75 24.50
CA LYS B 142 -7.26 -6.32 25.22
C LYS B 142 -6.87 -7.65 24.58
N CYS B 143 -5.58 -7.81 24.31
CA CYS B 143 -5.08 -9.03 23.66
C CYS B 143 -5.63 -10.30 24.29
N LEU B 150 -3.18 -12.26 18.60
CA LEU B 150 -3.68 -12.66 17.28
C LEU B 150 -2.52 -13.00 16.33
N SER B 151 -2.73 -12.81 15.04
CA SER B 151 -1.76 -13.23 14.04
C SER B 151 -0.42 -12.50 14.21
N VAL B 152 0.66 -13.20 13.85
CA VAL B 152 1.97 -12.55 13.83
C VAL B 152 1.97 -11.42 12.81
N GLY B 153 1.60 -11.72 11.56
CA GLY B 153 1.52 -10.67 10.56
C GLY B 153 0.63 -9.51 10.99
N GLN B 154 -0.48 -9.81 11.66
CA GLN B 154 -1.38 -8.76 12.12
C GLN B 154 -0.68 -7.86 13.13
N LYS B 155 -0.04 -8.45 14.14
CA LYS B 155 0.66 -7.62 15.11
C LYS B 155 1.83 -6.87 14.46
N GLN B 156 2.40 -7.47 13.43
CA GLN B 156 3.44 -6.82 12.67
C GLN B 156 2.85 -5.65 11.93
N LEU B 157 1.64 -5.83 11.44
CA LEU B 157 0.93 -4.79 10.73
C LEU B 157 0.50 -3.72 11.71
N LEU B 158 0.15 -4.10 12.93
CA LEU B 158 -0.10 -3.11 13.97
C LEU B 158 1.15 -2.28 14.22
N CYS B 159 2.28 -2.96 14.48
CA CYS B 159 3.55 -2.26 14.63
C CYS B 159 3.81 -1.31 13.47
N LEU B 160 3.49 -1.73 12.25
CA LEU B 160 3.54 -0.80 11.13
C LEU B 160 2.64 0.40 11.37
N ALA B 161 1.40 0.16 11.78
CA ALA B 161 0.51 1.28 12.07
C ALA B 161 1.07 2.14 13.20
N ARG B 162 1.55 1.51 14.26
CA ARG B 162 2.24 2.26 15.30
C ARG B 162 3.40 3.05 14.71
N ALA B 163 4.28 2.40 13.97
CA ALA B 163 5.39 3.06 13.32
C ALA B 163 4.97 4.21 12.49
N LEU B 164 3.85 4.07 11.84
CA LEU B 164 3.35 5.13 10.97
C LEU B 164 2.82 6.30 11.79
N LEU B 165 2.09 6.00 12.87
CA LEU B 165 1.57 7.06 13.72
C LEU B 165 2.71 7.89 14.31
N ARG B 166 3.75 7.20 14.73
CA ARG B 166 4.90 7.78 15.39
C ARG B 166 5.74 8.67 14.57
N LYS B 167 5.41 8.82 13.30
CA LYS B 167 6.16 9.60 12.32
C LYS B 167 7.57 9.14 12.23
N THR B 168 7.77 7.85 12.21
CA THR B 168 9.03 7.21 12.19
C THR B 168 9.81 7.62 11.01
N GLN B 169 11.06 7.92 11.22
CA GLN B 169 11.91 8.26 10.13
C GLN B 169 12.91 7.14 9.86
N ILE B 170 13.02 6.22 10.81
CA ILE B 170 13.83 5.02 10.69
C ILE B 170 13.07 3.74 11.05
N LEU B 171 13.01 2.77 10.16
CA LEU B 171 12.32 1.54 10.43
C LEU B 171 13.12 0.31 10.31
N ILE B 172 13.18 -0.42 11.37
CA ILE B 172 13.80 -1.74 11.39
C ILE B 172 12.67 -2.76 11.31
N LEU B 173 12.61 -3.48 10.21
CA LEU B 173 11.64 -4.52 10.07
C LEU B 173 12.39 -5.81 10.10
N ASP B 174 12.06 -6.66 11.05
CA ASP B 174 12.69 -7.94 11.16
C ASP B 174 11.65 -8.90 10.65
N GLU B 175 11.87 -9.50 9.50
CA GLU B 175 10.85 -10.33 8.92
C GLU B 175 10.53 -11.58 9.66
N ALA B 176 9.24 -11.90 9.65
CA ALA B 176 8.72 -13.04 10.36
C ALA B 176 9.35 -14.29 9.83
N THR B 177 9.70 -15.17 10.75
CA THR B 177 10.37 -16.39 10.40
C THR B 177 9.41 -17.47 10.08
N ALA B 178 8.22 -17.34 10.62
CA ALA B 178 7.21 -18.38 10.45
C ALA B 178 5.86 -17.74 10.11
N ALA B 179 4.88 -18.60 9.81
CA ALA B 179 3.52 -18.17 9.51
C ALA B 179 3.52 -17.06 8.46
N VAL B 180 4.30 -17.25 7.40
CA VAL B 180 4.30 -16.30 6.28
C VAL B 180 2.99 -16.47 5.52
N ASP B 181 2.20 -15.40 5.47
CA ASP B 181 0.95 -15.44 4.73
C ASP B 181 0.93 -14.36 3.67
N PRO B 182 0.27 -14.60 2.53
CA PRO B 182 0.28 -13.61 1.45
C PRO B 182 -0.32 -12.26 1.86
N GLY B 183 -1.46 -12.26 2.50
CA GLY B 183 -2.10 -11.02 2.88
C GLY B 183 -1.23 -10.06 3.64
N THR B 184 -0.61 -10.54 4.69
CA THR B 184 0.25 -9.69 5.48
C THR B 184 1.44 -9.19 4.73
N GLU B 185 2.10 -10.07 4.00
CA GLU B 185 3.28 -9.70 3.28
C GLU B 185 3.01 -8.69 2.21
N LEU B 186 1.91 -8.85 1.52
CA LEU B 186 1.56 -7.94 0.48
C LEU B 186 1.32 -6.57 1.02
N GLN B 187 0.62 -6.50 2.14
CA GLN B 187 0.33 -5.23 2.77
C GLN B 187 1.58 -4.56 3.24
N MET B 188 2.53 -5.32 3.75
CA MET B 188 3.77 -4.75 4.21
C MET B 188 4.50 -4.07 3.07
N GLN B 189 4.55 -4.72 1.94
CA GLN B 189 5.23 -4.16 0.79
C GLN B 189 4.57 -2.92 0.26
N ALA B 190 3.26 -2.93 0.28
CA ALA B 190 2.47 -1.82 -0.17
C ALA B 190 2.66 -0.57 0.64
N MET B 191 2.77 -0.74 1.95
CA MET B 191 2.95 0.34 2.88
C MET B 191 4.32 0.90 2.84
N LEU B 192 5.30 0.04 2.66
CA LEU B 192 6.68 0.45 2.62
C LEU B 192 6.99 1.29 1.42
N GLY B 193 6.31 1.04 0.33
CA GLY B 193 6.52 1.80 -0.87
C GLY B 193 5.82 3.15 -0.86
N SER B 194 4.64 3.21 -0.24
CA SER B 194 3.82 4.41 -0.27
C SER B 194 3.93 5.24 1.01
N TRP B 195 3.55 4.65 2.15
CA TRP B 195 3.50 5.42 3.38
C TRP B 195 4.87 5.61 4.01
N PHE B 196 5.75 4.67 3.80
CA PHE B 196 7.06 4.77 4.36
C PHE B 196 8.05 5.05 3.27
N ALA B 197 7.63 5.65 2.18
CA ALA B 197 8.53 5.92 1.08
C ALA B 197 9.68 6.79 1.48
N GLN B 198 9.42 7.80 2.29
CA GLN B 198 10.45 8.70 2.73
C GLN B 198 11.14 8.23 3.98
N CYS B 199 10.64 7.14 4.51
CA CYS B 199 11.18 6.59 5.71
C CYS B 199 12.24 5.61 5.47
N THR B 200 13.37 5.89 6.05
CA THR B 200 14.47 4.93 6.02
C THR B 200 14.03 3.64 6.68
N VAL B 201 14.12 2.55 5.94
CA VAL B 201 13.80 1.24 6.48
C VAL B 201 14.79 0.19 6.07
N LEU B 202 15.41 -0.43 7.02
CA LEU B 202 16.36 -1.49 6.77
C LEU B 202 15.72 -2.80 7.23
N LEU B 203 15.57 -3.74 6.33
CA LEU B 203 14.87 -4.94 6.66
C LEU B 203 15.74 -6.07 7.01
N ILE B 204 15.59 -6.60 8.23
CA ILE B 204 16.36 -7.74 8.65
C ILE B 204 15.70 -8.95 8.08
N ALA B 205 16.39 -9.56 7.14
CA ALA B 205 15.80 -10.64 6.44
C ALA B 205 16.46 -11.97 6.54
N HIS B 206 15.62 -12.92 6.91
CA HIS B 206 16.00 -14.30 7.04
C HIS B 206 15.62 -15.09 5.80
N ARG B 207 15.08 -14.40 4.81
CA ARG B 207 14.74 -14.93 3.52
C ARG B 207 15.48 -14.11 2.49
N LEU B 208 16.39 -14.71 1.77
CA LEU B 208 17.07 -13.96 0.71
C LEU B 208 16.09 -13.48 -0.35
N ARG B 209 14.98 -14.18 -0.53
CA ARG B 209 13.97 -13.72 -1.49
C ARG B 209 13.39 -12.37 -1.07
N SER B 210 13.28 -12.12 0.22
CA SER B 210 12.67 -10.90 0.71
C SER B 210 13.37 -9.60 0.39
N VAL B 211 14.66 -9.69 0.17
CA VAL B 211 15.45 -8.48 -0.08
C VAL B 211 15.73 -8.25 -1.56
N MET B 212 15.23 -9.12 -2.45
CA MET B 212 15.51 -8.96 -3.88
C MET B 212 14.98 -7.63 -4.42
N ASP B 213 13.80 -7.20 -3.99
CA ASP B 213 13.27 -5.92 -4.43
C ASP B 213 14.03 -4.74 -3.84
N CYS B 214 14.72 -4.92 -2.72
CA CYS B 214 15.41 -3.81 -2.05
C CYS B 214 16.39 -3.05 -2.90
N ALA B 215 16.47 -1.75 -2.76
CA ALA B 215 17.40 -1.01 -3.56
C ALA B 215 18.84 -1.36 -3.26
N ARG B 216 19.15 -1.50 -1.99
CA ARG B 216 20.50 -1.79 -1.59
C ARG B 216 20.50 -2.91 -0.59
N VAL B 217 21.53 -3.73 -0.63
CA VAL B 217 21.71 -4.84 0.26
C VAL B 217 23.01 -4.83 1.04
N LEU B 218 22.97 -5.09 2.34
CA LEU B 218 24.19 -5.20 3.14
C LEU B 218 24.26 -6.63 3.56
N VAL B 219 25.39 -7.27 3.37
CA VAL B 219 25.54 -8.66 3.72
C VAL B 219 26.48 -8.84 4.87
N MET B 220 25.98 -9.31 6.00
CA MET B 220 26.78 -9.53 7.19
C MET B 220 27.35 -10.95 7.17
N ASP B 221 28.64 -11.08 7.48
CA ASP B 221 29.30 -12.37 7.51
C ASP B 221 30.18 -12.44 8.75
N LYS B 222 29.85 -13.34 9.67
CA LYS B 222 30.66 -13.57 10.87
C LYS B 222 30.87 -12.26 11.65
N GLY B 223 29.81 -11.49 11.78
CA GLY B 223 29.89 -10.23 12.51
C GLY B 223 30.53 -9.08 11.76
N GLN B 224 30.80 -9.24 10.47
CA GLN B 224 31.42 -8.19 9.67
C GLN B 224 30.61 -7.96 8.41
N VAL B 225 30.67 -6.75 7.88
CA VAL B 225 29.97 -6.46 6.65
C VAL B 225 30.78 -6.98 5.51
N ALA B 226 30.37 -8.12 4.98
CA ALA B 226 31.00 -8.74 3.84
C ALA B 226 30.82 -8.09 2.50
N GLU B 227 29.58 -7.69 2.21
CA GLU B 227 29.22 -7.13 0.93
C GLU B 227 28.19 -6.05 1.04
N SER B 228 28.13 -5.22 0.03
CA SER B 228 27.17 -4.15 -0.02
C SER B 228 26.83 -3.87 -1.45
N GLY B 229 25.67 -3.29 -1.67
CA GLY B 229 25.22 -2.97 -3.02
C GLY B 229 23.91 -3.65 -3.35
N SER B 230 23.38 -3.28 -4.53
CA SER B 230 22.08 -3.75 -4.96
C SER B 230 22.05 -5.27 -5.03
N PRO B 231 20.86 -5.86 -5.00
CA PRO B 231 20.78 -7.32 -5.18
C PRO B 231 21.37 -7.77 -6.49
N ALA B 232 21.09 -7.05 -7.58
CA ALA B 232 21.68 -7.40 -8.87
C ALA B 232 23.20 -7.36 -8.79
N GLN B 233 23.75 -6.28 -8.24
CA GLN B 233 25.20 -6.20 -8.08
C GLN B 233 25.72 -7.35 -7.23
N LEU B 234 25.10 -7.57 -6.10
CA LEU B 234 25.53 -8.63 -5.21
C LEU B 234 25.50 -9.97 -5.91
N LEU B 235 24.44 -10.22 -6.65
CA LEU B 235 24.39 -11.43 -7.47
C LEU B 235 25.55 -11.47 -8.45
N ALA B 236 25.87 -10.34 -9.07
CA ALA B 236 26.96 -10.29 -10.03
C ALA B 236 28.30 -10.58 -9.36
N GLN B 237 28.52 -9.97 -8.21
CA GLN B 237 29.76 -10.17 -7.46
C GLN B 237 30.08 -11.62 -7.22
N LYS B 238 29.05 -12.49 -7.27
CA LYS B 238 29.20 -13.91 -6.99
C LYS B 238 30.00 -14.12 -5.71
N GLY B 239 29.53 -13.51 -4.63
CA GLY B 239 30.17 -13.64 -3.34
C GLY B 239 29.19 -14.24 -2.37
N LEU B 240 29.15 -13.73 -1.15
CA LEU B 240 28.24 -14.27 -0.17
C LEU B 240 26.81 -14.10 -0.58
N PHE B 241 26.45 -12.95 -1.12
CA PHE B 241 25.06 -12.78 -1.52
C PHE B 241 24.63 -13.78 -2.60
N TYR B 242 25.47 -14.02 -3.58
CA TYR B 242 25.16 -15.01 -4.61
C TYR B 242 25.07 -16.39 -3.99
N ARG B 243 26.08 -16.77 -3.19
CA ARG B 243 26.08 -18.04 -2.48
C ARG B 243 24.77 -18.24 -1.72
N LEU B 244 24.33 -17.21 -0.99
CA LEU B 244 23.06 -17.30 -0.29
C LEU B 244 21.90 -17.41 -1.27
N ALA B 245 22.03 -16.82 -2.46
CA ALA B 245 20.99 -16.93 -3.47
C ALA B 245 20.82 -18.38 -3.91
N GLN B 246 21.94 -19.10 -4.06
CA GLN B 246 21.90 -20.48 -4.50
C GLN B 246 21.26 -21.38 -3.45
N GLU B 247 21.55 -21.15 -2.19
CA GLU B 247 20.96 -21.94 -1.15
C GLU B 247 19.47 -21.73 -1.07
N SER B 248 19.02 -20.50 -1.21
CA SER B 248 17.59 -20.20 -1.13
C SER B 248 16.85 -20.57 -2.40
N GLY B 249 17.53 -21.15 -3.38
CA GLY B 249 16.88 -21.53 -4.62
C GLY B 249 16.61 -20.39 -5.57
N LEU B 250 17.18 -19.22 -5.33
CA LEU B 250 16.93 -18.07 -6.21
C LEU B 250 17.81 -18.08 -7.45
N VAL B 251 18.94 -18.77 -7.42
CA VAL B 251 19.80 -18.87 -8.59
C VAL B 251 20.50 -20.22 -8.62
PB ADP C . -25.28 0.43 -13.80
O1B ADP C . -25.59 -0.60 -14.81
O2B ADP C . -25.77 0.09 -12.45
O3B ADP C . -23.88 0.88 -13.84
PA ADP C . -26.12 2.34 -15.70
O1A ADP C . -25.69 3.75 -15.60
O2A ADP C . -25.47 1.46 -16.70
O3A ADP C . -26.15 1.67 -14.26
O5' ADP C . -27.64 2.46 -16.07
C5' ADP C . -28.29 3.71 -16.06
C4' ADP C . -29.44 3.67 -17.03
O4' ADP C . -28.94 4.01 -18.31
C3' ADP C . -30.05 2.29 -17.14
O3' ADP C . -31.47 2.36 -17.23
C2' ADP C . -29.46 1.72 -18.40
O2' ADP C . -30.35 0.84 -19.07
C1' ADP C . -29.15 2.96 -19.22
N9 ADP C . -27.97 2.76 -20.05
C8 ADP C . -26.80 2.23 -19.66
N7 ADP C . -25.94 2.20 -20.69
C5 ADP C . -26.57 2.69 -21.76
C6 ADP C . -26.26 2.95 -23.17
N6 ADP C . -25.05 2.64 -23.68
N1 ADP C . -27.21 3.49 -23.93
C2 ADP C . -28.42 3.81 -23.47
N3 ADP C . -28.77 3.60 -22.20
C4 ADP C . -27.91 3.06 -21.32
H5'1 ADP C . -27.59 4.50 -16.34
H5'2 ADP C . -28.67 3.92 -15.05
H4' ADP C . -30.22 4.39 -16.73
H3' ADP C . -29.74 1.68 -16.27
HO3' ADP C . -31.84 1.47 -17.30
H2' ADP C . -28.51 1.20 -18.16
HO2' ADP C . -30.55 0.09 -18.48
H1' ADP C . -30.02 3.18 -19.86
H8 ADP C . -26.57 1.89 -18.66
HN61 ADP C . -24.85 2.83 -24.64
HN62 ADP C . -24.34 2.24 -23.08
H2 ADP C . -29.14 4.23 -24.15
C1 CIT D . -36.09 -2.80 -8.88
O1 CIT D . -36.58 -3.95 -8.70
O2 CIT D . -35.18 -2.40 -8.14
C2 CIT D . -36.63 -1.92 -9.99
C3 CIT D . -36.19 -2.38 -11.38
O7 CIT D . -37.30 -3.14 -11.93
C4 CIT D . -35.90 -1.20 -12.30
C5 CIT D . -36.14 -1.58 -13.74
O3 CIT D . -36.55 -0.73 -14.56
O4 CIT D . -35.93 -2.75 -14.13
C6 CIT D . -34.97 -3.31 -11.39
O5 CIT D . -35.09 -4.55 -11.27
O6 CIT D . -33.84 -2.83 -11.54
H21 CIT D . -36.28 -0.90 -9.83
H22 CIT D . -37.72 -1.91 -9.94
HO7 CIT D . -37.00 -4.04 -12.16
H41 CIT D . -34.87 -0.88 -12.17
H42 CIT D . -36.55 -0.36 -12.03
PB ADP E . 21.88 -12.19 13.33
O1B ADP E . 20.77 -11.29 13.71
O2B ADP E . 22.44 -11.92 11.99
O3B ADP E . 21.61 -13.62 13.62
PA ADP E . 23.19 -11.04 15.65
O1A ADP E . 22.79 -9.62 15.50
O2A ADP E . 22.65 -11.90 16.71
O3A ADP E . 23.13 -11.80 14.25
O5' ADP E . 24.73 -11.06 15.85
C5' ADP E . 25.23 -12.30 16.25
C4' ADP E . 26.59 -12.18 16.85
O4' ADP E . 26.46 -11.69 18.15
C3' ADP E . 27.10 -13.57 17.04
O3' ADP E . 28.46 -13.55 17.43
C2' ADP E . 26.24 -14.02 18.17
O2' ADP E . 26.76 -15.20 18.77
C1' ADP E . 26.33 -12.79 19.04
N9 ADP E . 25.14 -12.53 19.85
C8 ADP E . 23.94 -12.18 19.40
N7 ADP E . 23.08 -12.01 20.42
C5 ADP E . 23.74 -12.24 21.55
C6 ADP E . 23.44 -12.22 22.97
N6 ADP E . 22.22 -11.92 23.43
N1 ADP E . 24.43 -12.53 23.81
C2 ADP E . 25.66 -12.84 23.39
N3 ADP E . 26.00 -12.86 22.11
C4 ADP E . 25.10 -12.58 21.17
H5'1 ADP E . 25.25 -12.96 15.40
H5'2 ADP E . 24.54 -12.73 17.00
H4' ADP E . 27.28 -11.58 16.22
H3' ADP E . 26.92 -14.19 16.14
HO3' ADP E . 28.78 -14.46 17.55
H2' ADP E . 25.21 -14.17 17.83
HO2' ADP E . 26.78 -15.92 18.11
H1' ADP E . 27.22 -12.86 19.68
H8 ADP E . 23.68 -12.06 18.36
HN61 ADP E . 22.04 -11.93 24.42
HN62 ADP E . 21.47 -11.70 22.79
H2 ADP E . 26.40 -13.07 24.14
C1 CIT F . 29.69 -20.23 12.08
O1 CIT F . 28.79 -20.61 12.82
O2 CIT F . 30.49 -19.40 12.50
C2 CIT F . 29.88 -20.82 10.71
C3 CIT F . 29.13 -20.16 9.56
O7 CIT F . 29.47 -18.81 9.46
C4 CIT F . 29.60 -20.77 8.27
C5 CIT F . 29.19 -19.92 7.10
O3 CIT F . 29.07 -20.45 5.99
O4 CIT F . 29.00 -18.72 7.29
C6 CIT F . 27.65 -20.33 9.71
O5 CIT F . 26.93 -19.38 9.97
O6 CIT F . 27.12 -21.44 9.54
H21 CIT F . 29.59 -21.87 10.75
H22 CIT F . 30.94 -20.79 10.48
HO7 CIT F . 30.42 -18.72 9.37
H41 CIT F . 29.18 -21.76 8.16
H42 CIT F . 30.69 -20.86 8.28
#